data_9MN2
#
_entry.id   9MN2
#
_cell.length_a   61.734
_cell.length_b   79.033
_cell.length_c   81.185
_cell.angle_alpha   90.00
_cell.angle_beta   90.00
_cell.angle_gamma   90.00
#
_symmetry.space_group_name_H-M   'P 21 21 2'
#
loop_
_entity.id
_entity.type
_entity.pdbx_description
1 polymer 'IgA FC receptor'
2 water water
#
_entity_poly.entity_id   1
_entity_poly.type   'polypeptide(L)'
_entity_poly.pdbx_seq_one_letter_code
;GSKAGLDQEIQEHVKKETSSEENTQKVDEHYANSLQNLAQKSLEELDKATTNEQATQVKNQFLENAQKLKEIQPLIKETN
VKLYKA(MSE)SESLEQVEKELKHNSEANLEDLVAKSKEIVREYEGKLNQSKNLPELKQLEEEAHSKLKQVVEDFRKKFK
TSEQVTPKKRVKRDLA
;
_entity_poly.pdbx_strand_id   A,B
#
# COMPACT_ATOMS: atom_id res chain seq x y z
N GLY A 1 -25.78 19.39 5.87
CA GLY A 1 -24.40 19.12 6.27
C GLY A 1 -24.29 17.97 7.28
N SER A 2 -25.19 17.98 8.26
CA SER A 2 -25.16 16.93 9.28
C SER A 2 -25.54 15.57 8.69
N LYS A 3 -26.37 15.55 7.65
CA LYS A 3 -26.83 14.32 7.04
C LYS A 3 -26.08 13.96 5.77
N ALA A 4 -25.09 14.78 5.38
CA ALA A 4 -24.35 14.50 4.16
C ALA A 4 -23.57 13.20 4.27
N GLY A 5 -22.92 12.98 5.42
CA GLY A 5 -22.13 11.77 5.59
C GLY A 5 -22.97 10.50 5.54
N LEU A 6 -24.16 10.55 6.12
CA LEU A 6 -25.04 9.37 6.11
C LEU A 6 -25.56 9.08 4.72
N ASP A 7 -25.96 10.14 4.00
CA ASP A 7 -26.34 10.00 2.59
C ASP A 7 -25.22 9.36 1.79
N GLN A 8 -24.00 9.86 1.99
CA GLN A 8 -22.84 9.32 1.27
C GLN A 8 -22.60 7.85 1.62
N GLU A 9 -22.79 7.49 2.89
CA GLU A 9 -22.56 6.11 3.29
C GLU A 9 -23.58 5.16 2.66
N ILE A 10 -24.85 5.57 2.63
CA ILE A 10 -25.89 4.74 2.00
C ILE A 10 -25.59 4.60 0.50
N GLN A 11 -25.33 5.72 -0.17
CA GLN A 11 -25.01 5.67 -1.59
C GLN A 11 -23.76 4.84 -1.84
N GLU A 12 -22.82 4.84 -0.90
CA GLU A 12 -21.58 4.09 -1.08
C GLU A 12 -21.81 2.59 -0.94
N HIS A 13 -22.70 2.20 -0.03
CA HIS A 13 -23.08 0.78 0.06
C HIS A 13 -23.69 0.31 -1.26
N VAL A 14 -24.61 1.12 -1.80
CA VAL A 14 -25.24 0.75 -3.08
C VAL A 14 -24.20 0.71 -4.20
N LYS A 15 -23.29 1.68 -4.23
CA LYS A 15 -22.25 1.72 -5.25
C LYS A 15 -21.31 0.52 -5.14
N LYS A 16 -21.01 0.10 -3.91
CA LYS A 16 -20.17 -1.08 -3.70
C LYS A 16 -20.83 -2.31 -4.31
N GLU A 17 -22.13 -2.50 -4.07
CA GLU A 17 -22.81 -3.65 -4.65
C GLU A 17 -22.84 -3.57 -6.18
N THR A 18 -23.16 -2.39 -6.72
CA THR A 18 -23.25 -2.28 -8.18
C THR A 18 -21.89 -2.51 -8.84
N SER A 19 -20.82 -1.99 -8.25
CA SER A 19 -19.48 -2.23 -8.79
C SER A 19 -19.11 -3.70 -8.69
N SER A 20 -19.49 -4.36 -7.59
CA SER A 20 -19.23 -5.79 -7.46
C SER A 20 -19.92 -6.56 -8.58
N GLU A 21 -21.18 -6.26 -8.84
CA GLU A 21 -21.91 -7.02 -9.87
C GLU A 21 -21.41 -6.69 -11.27
N GLU A 22 -20.95 -5.46 -11.50
CA GLU A 22 -20.40 -5.14 -12.82
C GLU A 22 -19.08 -5.85 -13.05
N ASN A 23 -18.22 -5.91 -12.03
CA ASN A 23 -16.99 -6.67 -12.16
C ASN A 23 -17.28 -8.16 -12.34
N THR A 24 -18.34 -8.66 -11.68
CA THR A 24 -18.75 -10.03 -11.88
C THR A 24 -19.16 -10.28 -13.33
N GLN A 25 -19.92 -9.34 -13.92
CA GLN A 25 -20.30 -9.48 -15.32
C GLN A 25 -19.08 -9.49 -16.24
N LYS A 26 -18.12 -8.60 -15.98
CA LYS A 26 -16.91 -8.57 -16.80
C LYS A 26 -16.15 -9.89 -16.72
N VAL A 27 -15.98 -10.40 -15.49
CA VAL A 27 -15.27 -11.67 -15.30
C VAL A 27 -16.03 -12.81 -15.99
N ASP A 28 -17.36 -12.80 -15.89
CA ASP A 28 -18.15 -13.85 -16.52
C ASP A 28 -18.03 -13.82 -18.03
N GLU A 29 -18.00 -12.62 -18.63
CA GLU A 29 -17.88 -12.53 -20.08
C GLU A 29 -16.50 -12.99 -20.54
N HIS A 30 -15.44 -12.56 -19.85
CA HIS A 30 -14.11 -13.04 -20.20
C HIS A 30 -14.00 -14.56 -20.05
N TYR A 31 -14.59 -15.09 -18.98
CA TYR A 31 -14.57 -16.53 -18.74
C TYR A 31 -15.32 -17.28 -19.84
N ALA A 32 -16.48 -16.75 -20.26
CA ALA A 32 -17.26 -17.42 -21.30
C ALA A 32 -16.51 -17.40 -22.63
N ASN A 33 -15.84 -16.30 -22.94
CA ASN A 33 -15.05 -16.25 -24.17
C ASN A 33 -13.89 -17.24 -24.14
N SER A 34 -13.17 -17.29 -23.01
CA SER A 34 -12.07 -18.24 -22.89
C SER A 34 -12.57 -19.68 -22.94
N LEU A 35 -13.74 -19.94 -22.36
CA LEU A 35 -14.29 -21.29 -22.39
C LEU A 35 -14.72 -21.68 -23.79
N GLN A 36 -15.27 -20.74 -24.55
CA GLN A 36 -15.61 -21.01 -25.93
C GLN A 36 -14.37 -21.32 -26.75
N ASN A 37 -13.29 -20.56 -26.53
CA ASN A 37 -12.05 -20.82 -27.27
C ASN A 37 -11.47 -22.20 -26.89
N LEU A 38 -11.45 -22.51 -25.60
CA LEU A 38 -10.98 -23.83 -25.15
C LEU A 38 -11.81 -24.94 -25.78
N ALA A 39 -13.13 -24.76 -25.82
CA ALA A 39 -13.99 -25.79 -26.39
C ALA A 39 -13.77 -25.95 -27.88
N GLN A 40 -13.56 -24.84 -28.60
CA GLN A 40 -13.32 -24.96 -30.04
C GLN A 40 -12.00 -25.66 -30.32
N LYS A 41 -10.95 -25.36 -29.54
CA LYS A 41 -9.68 -26.04 -29.73
C LYS A 41 -9.80 -27.53 -29.40
N SER A 42 -10.53 -27.86 -28.33
CA SER A 42 -10.73 -29.26 -27.98
C SER A 42 -11.56 -29.99 -29.04
N LEU A 43 -12.53 -29.30 -29.63
CA LEU A 43 -13.34 -29.91 -30.68
C LEU A 43 -12.50 -30.14 -31.93
N GLU A 44 -11.57 -29.24 -32.23
CA GLU A 44 -10.67 -29.48 -33.35
C GLU A 44 -9.76 -30.67 -33.08
N GLU A 45 -9.21 -30.75 -31.86
CA GLU A 45 -8.41 -31.92 -31.49
C GLU A 45 -9.23 -33.20 -31.59
N LEU A 46 -10.50 -33.14 -31.20
CA LEU A 46 -11.37 -34.31 -31.24
C LEU A 46 -11.64 -34.75 -32.67
N ASP A 47 -11.88 -33.78 -33.56
CA ASP A 47 -12.14 -34.10 -34.96
C ASP A 47 -10.94 -34.78 -35.60
N LYS A 48 -9.74 -34.55 -35.08
CA LYS A 48 -8.51 -35.11 -35.63
C LYS A 48 -8.05 -36.36 -34.90
N ALA A 49 -8.79 -36.84 -33.91
CA ALA A 49 -8.41 -38.05 -33.21
C ALA A 49 -8.63 -39.26 -34.09
N THR A 50 -7.73 -40.25 -33.97
CA THR A 50 -7.80 -41.47 -34.77
C THR A 50 -8.28 -42.67 -33.97
N THR A 51 -8.49 -42.52 -32.66
CA THR A 51 -8.87 -43.62 -31.79
C THR A 51 -9.95 -43.16 -30.84
N ASN A 52 -10.87 -44.07 -30.51
CA ASN A 52 -11.89 -43.77 -29.51
C ASN A 52 -11.27 -43.39 -28.18
N GLU A 53 -10.15 -44.04 -27.82
CA GLU A 53 -9.47 -43.70 -26.58
C GLU A 53 -8.84 -42.31 -26.67
N GLN A 54 -8.21 -42.00 -27.80
CA GLN A 54 -7.66 -40.65 -28.00
C GLN A 54 -8.77 -39.60 -27.94
N ALA A 55 -9.93 -39.92 -28.49
CA ALA A 55 -11.04 -38.97 -28.50
C ALA A 55 -11.59 -38.75 -27.09
N THR A 56 -11.82 -39.83 -26.36
CA THR A 56 -12.25 -39.72 -24.97
C THR A 56 -11.23 -38.97 -24.14
N GLN A 57 -9.94 -39.13 -24.44
CA GLN A 57 -8.91 -38.39 -23.70
C GLN A 57 -8.96 -36.90 -24.02
N VAL A 58 -9.22 -36.56 -25.29
CA VAL A 58 -9.43 -35.16 -25.64
C VAL A 58 -10.57 -34.57 -24.83
N LYS A 59 -11.67 -35.33 -24.70
CA LYS A 59 -12.82 -34.82 -23.93
C LYS A 59 -12.46 -34.64 -22.46
N ASN A 60 -11.83 -35.65 -21.85
CA ASN A 60 -11.46 -35.56 -20.44
C ASN A 60 -10.51 -34.40 -20.19
N GLN A 61 -9.55 -34.19 -21.09
CA GLN A 61 -8.61 -33.09 -20.94
C GLN A 61 -9.31 -31.75 -21.11
N PHE A 62 -10.32 -31.68 -21.97
CA PHE A 62 -11.11 -30.46 -22.06
C PHE A 62 -11.79 -30.16 -20.72
N LEU A 63 -12.39 -31.19 -20.10
CA LEU A 63 -13.08 -30.95 -18.84
C LEU A 63 -12.10 -30.50 -17.75
N GLU A 64 -10.92 -31.13 -17.70
CA GLU A 64 -9.90 -30.72 -16.74
C GLU A 64 -9.47 -29.27 -16.97
N ASN A 65 -9.19 -28.92 -18.23
CA ASN A 65 -8.76 -27.56 -18.55
C ASN A 65 -9.87 -26.55 -18.29
N ALA A 66 -11.14 -26.94 -18.46
CA ALA A 66 -12.23 -26.03 -18.17
C ALA A 66 -12.31 -25.75 -16.68
N GLN A 67 -12.12 -26.78 -15.85
CA GLN A 67 -12.05 -26.54 -14.41
C GLN A 67 -10.90 -25.61 -14.05
N LYS A 68 -9.71 -25.88 -14.62
CA LYS A 68 -8.56 -25.01 -14.38
C LYS A 68 -8.85 -23.58 -14.80
N LEU A 69 -9.54 -23.40 -15.92
CA LEU A 69 -9.85 -22.06 -16.42
C LEU A 69 -10.82 -21.35 -15.48
N LYS A 70 -11.84 -22.06 -15.01
CA LYS A 70 -12.79 -21.44 -14.08
C LYS A 70 -12.11 -21.04 -12.78
N GLU A 71 -11.11 -21.82 -12.35
CA GLU A 71 -10.52 -21.56 -11.04
C GLU A 71 -9.73 -20.26 -10.98
N ILE A 72 -9.22 -19.76 -12.12
CA ILE A 72 -8.30 -18.62 -12.10
C ILE A 72 -8.98 -17.28 -12.39
N GLN A 73 -10.28 -17.26 -12.68
CA GLN A 73 -10.93 -16.00 -13.07
C GLN A 73 -10.83 -14.92 -11.99
N PRO A 74 -11.18 -15.16 -10.73
CA PRO A 74 -11.02 -14.09 -9.73
C PRO A 74 -9.58 -13.65 -9.58
N LEU A 75 -8.65 -14.60 -9.72
CA LEU A 75 -7.24 -14.24 -9.68
C LEU A 75 -6.85 -13.41 -10.89
N ILE A 76 -7.47 -13.65 -12.04
CA ILE A 76 -7.23 -12.80 -13.21
C ILE A 76 -7.63 -11.37 -12.89
N LYS A 77 -8.83 -11.19 -12.31
CA LYS A 77 -9.28 -9.84 -11.99
C LYS A 77 -8.35 -9.18 -10.97
N GLU A 78 -7.95 -9.92 -9.94
CA GLU A 78 -7.05 -9.36 -8.92
C GLU A 78 -5.70 -9.00 -9.52
N THR A 79 -5.20 -9.81 -10.46
CA THR A 79 -3.93 -9.53 -11.10
C THR A 79 -4.00 -8.26 -11.95
N ASN A 80 -5.11 -8.09 -12.69
CA ASN A 80 -5.29 -6.86 -13.45
C ASN A 80 -5.34 -5.65 -12.53
N VAL A 81 -6.04 -5.78 -11.40
CA VAL A 81 -6.13 -4.68 -10.43
C VAL A 81 -4.74 -4.30 -9.94
N LYS A 82 -3.95 -5.30 -9.54
CA LYS A 82 -2.61 -5.02 -9.03
C LYS A 82 -1.72 -4.41 -10.09
N LEU A 83 -1.85 -4.88 -11.34
CA LEU A 83 -1.06 -4.33 -12.44
C LEU A 83 -1.37 -2.85 -12.65
N TYR A 84 -2.66 -2.51 -12.67
CA TYR A 84 -3.03 -1.11 -12.87
C TYR A 84 -2.56 -0.24 -11.72
N LYS A 85 -2.67 -0.75 -10.48
CA LYS A 85 -2.22 0.03 -9.33
C LYS A 85 -0.72 0.26 -9.40
N ALA A 86 0.06 -0.77 -9.77
CA ALA A 86 1.51 -0.62 -9.88
C ALA A 86 1.86 0.40 -10.95
N SER A 88 0.01 2.96 -12.05
CA SER A 88 -0.36 4.30 -11.62
C SER A 88 0.60 4.84 -10.58
N GLU A 89 1.03 4.00 -9.63
CA GLU A 89 1.93 4.47 -8.60
C GLU A 89 3.32 4.76 -9.17
N SER A 90 3.80 3.92 -10.09
CA SER A 90 5.07 4.22 -10.74
C SER A 90 5.00 5.51 -11.53
N LEU A 91 3.87 5.75 -12.23
CA LEU A 91 3.70 6.98 -12.97
C LEU A 91 3.73 8.19 -12.05
N GLU A 92 3.03 8.11 -10.91
CA GLU A 92 3.02 9.24 -9.98
C GLU A 92 4.43 9.51 -9.42
N GLN A 93 5.15 8.44 -9.05
CA GLN A 93 6.51 8.61 -8.56
C GLN A 93 7.39 9.30 -9.59
N VAL A 94 7.34 8.83 -10.84
CA VAL A 94 8.18 9.40 -11.88
C VAL A 94 7.76 10.84 -12.17
N GLU A 95 6.46 11.12 -12.11
CA GLU A 95 5.97 12.48 -12.35
C GLU A 95 6.52 13.45 -11.30
N LYS A 96 6.43 13.07 -10.02
CA LYS A 96 6.93 13.97 -8.98
C LYS A 96 8.44 14.13 -9.08
N GLU A 97 9.16 13.05 -9.44
CA GLU A 97 10.61 13.17 -9.63
C GLU A 97 10.95 14.15 -10.75
N LEU A 98 10.25 14.04 -11.88
CA LEU A 98 10.51 14.93 -13.01
C LEU A 98 10.17 16.37 -12.67
N LYS A 99 9.05 16.59 -12.00
CA LYS A 99 8.69 17.95 -11.58
C LYS A 99 9.77 18.54 -10.70
N HIS A 100 10.22 17.79 -9.70
CA HIS A 100 11.26 18.29 -8.79
C HIS A 100 12.54 18.62 -9.56
N ASN A 101 12.98 17.71 -10.44
CA ASN A 101 14.25 17.93 -11.14
C ASN A 101 14.17 19.13 -12.07
N SER A 102 13.08 19.26 -12.84
CA SER A 102 12.96 20.38 -13.75
C SER A 102 12.88 21.69 -12.99
N GLU A 103 12.15 21.71 -11.87
CA GLU A 103 12.09 22.92 -11.06
C GLU A 103 13.46 23.29 -10.50
N ALA A 104 14.24 22.29 -10.11
CA ALA A 104 15.59 22.56 -9.60
C ALA A 104 16.48 23.16 -10.68
N ASN A 105 16.43 22.58 -11.89
CA ASN A 105 17.24 23.11 -12.99
C ASN A 105 16.84 24.55 -13.32
N LEU A 106 15.53 24.81 -13.38
CA LEU A 106 15.06 26.16 -13.67
C LEU A 106 15.48 27.14 -12.58
N GLU A 107 15.40 26.71 -11.31
CA GLU A 107 15.81 27.59 -10.22
C GLU A 107 17.30 27.90 -10.30
N ASP A 108 18.12 26.92 -10.65
CA ASP A 108 19.56 27.17 -10.79
C ASP A 108 19.83 28.16 -11.91
N LEU A 109 19.17 27.97 -13.07
CA LEU A 109 19.37 28.89 -14.18
C LEU A 109 18.92 30.31 -13.82
N VAL A 110 17.78 30.41 -13.13
CA VAL A 110 17.26 31.72 -12.75
C VAL A 110 18.19 32.40 -11.77
N ALA A 111 18.75 31.63 -10.84
CA ALA A 111 19.71 32.19 -9.89
C ALA A 111 20.94 32.70 -10.60
N LYS A 112 21.47 31.92 -11.56
CA LYS A 112 22.64 32.36 -12.31
C LYS A 112 22.35 33.62 -13.12
N SER A 113 21.19 33.69 -13.76
CA SER A 113 20.85 34.84 -14.57
C SER A 113 20.67 36.09 -13.70
N LYS A 114 19.95 35.95 -12.58
CA LYS A 114 19.81 37.07 -11.66
C LYS A 114 21.15 37.51 -11.10
N GLU A 115 22.10 36.58 -10.94
CA GLU A 115 23.41 36.96 -10.45
C GLU A 115 24.19 37.74 -11.49
N ILE A 116 24.13 37.32 -12.75
CA ILE A 116 24.77 38.09 -13.82
C ILE A 116 24.18 39.50 -13.86
N VAL A 117 22.84 39.58 -13.79
CA VAL A 117 22.17 40.87 -13.83
C VAL A 117 22.60 41.73 -12.64
N ARG A 118 22.73 41.13 -11.46
CA ARG A 118 23.11 41.91 -10.27
C ARG A 118 24.54 42.42 -10.37
N GLU A 119 25.47 41.56 -10.80
CA GLU A 119 26.85 41.98 -11.00
C GLU A 119 26.93 43.17 -11.93
N TYR A 120 26.28 43.06 -13.10
CA TYR A 120 26.42 44.13 -14.07
C TYR A 120 25.59 45.36 -13.72
N GLU A 121 24.50 45.20 -12.96
CA GLU A 121 23.80 46.36 -12.45
C GLU A 121 24.65 47.11 -11.42
N GLY A 122 25.37 46.38 -10.58
CA GLY A 122 26.29 47.04 -9.66
C GLY A 122 27.40 47.77 -10.38
N LYS A 123 27.92 47.17 -11.46
CA LYS A 123 28.93 47.86 -12.25
C LYS A 123 28.35 49.09 -12.95
N LEU A 124 27.13 48.97 -13.46
CA LEU A 124 26.50 50.07 -14.20
C LEU A 124 26.17 51.24 -13.29
N ASN A 125 25.74 50.95 -12.05
CA ASN A 125 25.41 52.01 -11.11
C ASN A 125 26.62 52.88 -10.79
N GLN A 126 27.83 52.37 -10.97
CA GLN A 126 29.06 53.12 -10.72
C GLN A 126 29.63 53.74 -11.99
N SER A 127 28.94 53.64 -13.12
CA SER A 127 29.45 54.19 -14.38
C SER A 127 29.65 55.70 -14.26
N LYS A 128 30.72 56.18 -14.90
CA LYS A 128 31.06 57.60 -14.88
C LYS A 128 30.78 58.31 -16.20
N ASN A 129 30.72 57.58 -17.31
CA ASN A 129 30.51 58.18 -18.62
C ASN A 129 29.78 57.19 -19.51
N LEU A 130 29.35 57.67 -20.67
CA LEU A 130 28.54 56.89 -21.61
C LEU A 130 29.31 55.72 -22.24
N PRO A 131 30.57 55.88 -22.64
CA PRO A 131 31.28 54.70 -23.19
C PRO A 131 31.37 53.53 -22.21
N GLU A 132 31.64 53.82 -20.94
CA GLU A 132 31.64 52.77 -19.92
C GLU A 132 30.28 52.10 -19.81
N LEU A 133 29.21 52.92 -19.87
CA LEU A 133 27.85 52.38 -19.80
C LEU A 133 27.60 51.42 -20.96
N LYS A 134 27.95 51.83 -22.18
CA LYS A 134 27.72 50.98 -23.34
C LYS A 134 28.52 49.70 -23.26
N GLN A 135 29.80 49.80 -22.84
CA GLN A 135 30.64 48.61 -22.74
C GLN A 135 30.08 47.63 -21.72
N LEU A 136 29.68 48.13 -20.55
CA LEU A 136 29.14 47.25 -19.52
C LEU A 136 27.82 46.64 -19.95
N GLU A 137 26.96 47.42 -20.61
CA GLU A 137 25.68 46.90 -21.08
C GLU A 137 25.88 45.77 -22.08
N GLU A 138 26.81 45.95 -23.03
CA GLU A 138 27.06 44.92 -24.03
C GLU A 138 27.65 43.67 -23.40
N GLU A 139 28.60 43.84 -22.47
CA GLU A 139 29.17 42.68 -21.80
C GLU A 139 28.09 41.93 -21.01
N ALA A 140 27.19 42.66 -20.36
CA ALA A 140 26.12 42.04 -19.59
C ALA A 140 25.21 41.22 -20.47
N HIS A 141 24.79 41.80 -21.60
CA HIS A 141 23.90 41.07 -22.51
C HIS A 141 24.59 39.84 -23.09
N SER A 142 25.88 39.95 -23.40
CA SER A 142 26.62 38.79 -23.91
C SER A 142 26.71 37.69 -22.86
N LYS A 143 26.96 38.07 -21.59
CA LYS A 143 27.02 37.07 -20.53
C LYS A 143 25.68 36.39 -20.33
N LEU A 144 24.58 37.16 -20.38
CA LEU A 144 23.26 36.57 -20.26
C LEU A 144 22.98 35.59 -21.39
N LYS A 145 23.34 35.96 -22.61
CA LYS A 145 23.15 35.07 -23.75
C LYS A 145 23.98 33.80 -23.59
N GLN A 146 25.22 33.95 -23.11
CA GLN A 146 26.06 32.78 -22.87
C GLN A 146 25.43 31.83 -21.85
N VAL A 147 24.91 32.40 -20.76
CA VAL A 147 24.31 31.57 -19.71
C VAL A 147 23.08 30.82 -20.24
N VAL A 148 22.17 31.55 -20.89
CA VAL A 148 20.94 30.90 -21.37
C VAL A 148 21.25 29.89 -22.46
N GLU A 149 22.28 30.15 -23.28
CA GLU A 149 22.65 29.20 -24.31
C GLU A 149 23.24 27.94 -23.71
N ASP A 150 24.18 28.09 -22.78
CA ASP A 150 24.76 26.93 -22.11
C ASP A 150 23.68 26.09 -21.45
N PHE A 151 22.68 26.73 -20.84
CA PHE A 151 21.61 25.96 -20.22
C PHE A 151 20.79 25.22 -21.26
N ARG A 152 20.42 25.89 -22.36
CA ARG A 152 19.66 25.23 -23.42
C ARG A 152 20.43 24.06 -24.00
N LYS A 153 21.76 24.10 -23.95
CA LYS A 153 22.60 23.02 -24.47
C LYS A 153 23.13 22.12 -23.37
N LYS A 154 22.61 22.22 -22.15
CA LYS A 154 23.01 21.32 -21.08
C LYS A 154 22.22 20.02 -21.13
N SER B 2 16.43 -21.71 40.44
CA SER B 2 16.97 -22.89 39.76
C SER B 2 15.87 -23.91 39.47
N LYS B 3 15.27 -24.45 40.54
CA LYS B 3 14.19 -25.41 40.35
C LYS B 3 12.97 -24.79 39.70
N ALA B 4 12.72 -23.50 39.94
CA ALA B 4 11.59 -22.84 39.32
C ALA B 4 11.75 -22.78 37.80
N GLY B 5 12.97 -22.52 37.33
CA GLY B 5 13.20 -22.50 35.89
C GLY B 5 12.97 -23.86 35.25
N LEU B 6 13.37 -24.93 35.94
CA LEU B 6 13.16 -26.28 35.42
C LEU B 6 11.68 -26.64 35.41
N ASP B 7 10.97 -26.30 36.50
CA ASP B 7 9.51 -26.45 36.52
C ASP B 7 8.88 -25.77 35.32
N GLN B 8 9.29 -24.52 35.08
CA GLN B 8 8.71 -23.74 33.98
C GLN B 8 9.05 -24.36 32.64
N GLU B 9 10.25 -24.92 32.49
CA GLU B 9 10.62 -25.55 31.22
C GLU B 9 9.75 -26.78 30.95
N ILE B 10 9.55 -27.61 31.99
CA ILE B 10 8.69 -28.78 31.83
C ILE B 10 7.27 -28.37 31.46
N GLN B 11 6.74 -27.38 32.17
CA GLN B 11 5.36 -26.94 31.92
C GLN B 11 5.22 -26.31 30.55
N GLU B 12 6.26 -25.60 30.09
CA GLU B 12 6.20 -24.99 28.77
C GLU B 12 6.30 -26.02 27.67
N HIS B 13 7.06 -27.10 27.89
CA HIS B 13 7.05 -28.18 26.90
C HIS B 13 5.67 -28.81 26.80
N VAL B 14 5.02 -29.05 27.94
CA VAL B 14 3.65 -29.57 27.92
C VAL B 14 2.72 -28.61 27.18
N LYS B 15 2.85 -27.31 27.46
CA LYS B 15 2.01 -26.31 26.82
C LYS B 15 2.22 -26.29 25.30
N LYS B 16 3.47 -26.38 24.86
CA LYS B 16 3.75 -26.37 23.43
C LYS B 16 3.16 -27.59 22.75
N GLU B 17 3.31 -28.77 23.36
CA GLU B 17 2.76 -29.98 22.77
C GLU B 17 1.24 -29.89 22.66
N THR B 18 0.59 -29.41 23.72
CA THR B 18 -0.87 -29.33 23.70
C THR B 18 -1.36 -28.32 22.67
N SER B 19 -0.70 -27.15 22.59
CA SER B 19 -1.11 -26.15 21.60
C SER B 19 -0.89 -26.66 20.18
N SER B 20 0.19 -27.43 19.97
CA SER B 20 0.42 -28.02 18.65
C SER B 20 -0.70 -28.99 18.28
N GLU B 21 -1.10 -29.85 19.23
CA GLU B 21 -2.17 -30.79 18.93
C GLU B 21 -3.49 -30.06 18.67
N GLU B 22 -3.74 -28.96 19.40
CA GLU B 22 -4.98 -28.21 19.19
C GLU B 22 -4.99 -27.53 17.83
N ASN B 23 -3.85 -26.98 17.41
CA ASN B 23 -3.77 -26.38 16.08
C ASN B 23 -3.96 -27.43 14.99
N THR B 24 -3.36 -28.61 15.18
CA THR B 24 -3.54 -29.68 14.21
C THR B 24 -5.01 -30.08 14.09
N GLN B 25 -5.72 -30.15 15.22
CA GLN B 25 -7.14 -30.50 15.18
C GLN B 25 -7.97 -29.41 14.51
N LYS B 26 -7.60 -28.14 14.73
CA LYS B 26 -8.32 -27.06 14.05
C LYS B 26 -8.13 -27.12 12.54
N VAL B 27 -6.90 -27.40 12.09
CA VAL B 27 -6.64 -27.58 10.66
C VAL B 27 -7.43 -28.76 10.12
N ASP B 28 -7.50 -29.85 10.89
CA ASP B 28 -8.27 -31.01 10.46
C ASP B 28 -9.74 -30.68 10.30
N GLU B 29 -10.30 -29.89 11.21
CA GLU B 29 -11.70 -29.50 11.10
C GLU B 29 -11.92 -28.65 9.85
N HIS B 30 -11.02 -27.70 9.58
CA HIS B 30 -11.14 -26.90 8.36
C HIS B 30 -11.13 -27.78 7.12
N TYR B 31 -10.18 -28.72 7.06
CA TYR B 31 -10.08 -29.59 5.89
C TYR B 31 -11.31 -30.47 5.72
N ALA B 32 -11.83 -31.02 6.83
CA ALA B 32 -13.01 -31.86 6.75
C ALA B 32 -14.23 -31.08 6.32
N ASN B 33 -14.35 -29.82 6.77
CA ASN B 33 -15.47 -28.98 6.35
C ASN B 33 -15.40 -28.70 4.85
N SER B 34 -14.20 -28.35 4.36
CA SER B 34 -14.05 -28.12 2.93
C SER B 34 -14.35 -29.38 2.13
N LEU B 35 -13.93 -30.54 2.63
CA LEU B 35 -14.19 -31.79 1.92
C LEU B 35 -15.67 -32.11 1.86
N GLN B 36 -16.40 -31.87 2.96
CA GLN B 36 -17.84 -32.12 2.96
C GLN B 36 -18.55 -31.14 2.03
N ASN B 37 -18.08 -29.89 1.94
CA ASN B 37 -18.66 -28.95 1.00
C ASN B 37 -18.45 -29.42 -0.44
N LEU B 38 -17.23 -29.85 -0.76
CA LEU B 38 -16.95 -30.42 -2.08
C LEU B 38 -17.87 -31.60 -2.38
N ALA B 39 -18.05 -32.49 -1.40
CA ALA B 39 -18.88 -33.67 -1.61
C ALA B 39 -20.34 -33.29 -1.82
N GLN B 40 -20.83 -32.30 -1.07
CA GLN B 40 -22.20 -31.85 -1.24
C GLN B 40 -22.42 -31.31 -2.65
N LYS B 41 -21.50 -30.47 -3.13
CA LYS B 41 -21.61 -29.96 -4.50
C LYS B 41 -21.57 -31.08 -5.52
N SER B 42 -20.64 -32.02 -5.34
CA SER B 42 -20.49 -33.10 -6.32
C SER B 42 -21.70 -34.02 -6.31
N LEU B 43 -22.32 -34.24 -5.15
CA LEU B 43 -23.50 -35.10 -5.11
C LEU B 43 -24.72 -34.40 -5.68
N GLU B 44 -24.82 -33.08 -5.52
CA GLU B 44 -25.86 -32.35 -6.24
C GLU B 44 -25.68 -32.51 -7.74
N GLU B 45 -24.45 -32.32 -8.24
CA GLU B 45 -24.18 -32.52 -9.66
C GLU B 45 -24.51 -33.94 -10.09
N LEU B 46 -24.19 -34.92 -9.25
CA LEU B 46 -24.48 -36.31 -9.57
C LEU B 46 -25.98 -36.55 -9.69
N ASP B 47 -26.75 -35.97 -8.76
CA ASP B 47 -28.20 -36.04 -8.86
C ASP B 47 -28.69 -35.40 -10.15
N LYS B 48 -28.09 -34.29 -10.55
CA LYS B 48 -28.53 -33.63 -11.78
C LYS B 48 -28.05 -34.34 -13.04
N ALA B 49 -27.23 -35.39 -12.91
CA ALA B 49 -26.69 -36.06 -14.09
C ALA B 49 -27.75 -36.94 -14.74
N THR B 50 -27.73 -36.97 -16.08
CA THR B 50 -28.66 -37.77 -16.86
C THR B 50 -27.99 -38.93 -17.60
N THR B 51 -26.66 -38.99 -17.60
CA THR B 51 -25.93 -40.02 -18.32
C THR B 51 -24.92 -40.66 -17.36
N ASN B 52 -24.54 -41.91 -17.68
CA ASN B 52 -23.51 -42.57 -16.89
C ASN B 52 -22.16 -41.87 -17.05
N GLU B 53 -21.89 -41.33 -18.24
CA GLU B 53 -20.63 -40.62 -18.47
C GLU B 53 -20.55 -39.37 -17.61
N GLN B 54 -21.62 -38.57 -17.58
CA GLN B 54 -21.66 -37.40 -16.72
C GLN B 54 -21.45 -37.78 -15.26
N ALA B 55 -22.03 -38.90 -14.83
CA ALA B 55 -21.95 -39.29 -13.42
C ALA B 55 -20.53 -39.72 -13.05
N THR B 56 -19.91 -40.55 -13.89
CA THR B 56 -18.53 -40.95 -13.64
C THR B 56 -17.60 -39.74 -13.67
N GLN B 57 -17.87 -38.79 -14.57
CA GLN B 57 -17.04 -37.58 -14.63
C GLN B 57 -17.22 -36.72 -13.39
N VAL B 58 -18.44 -36.66 -12.85
CA VAL B 58 -18.67 -35.94 -11.60
C VAL B 58 -17.87 -36.58 -10.48
N LYS B 59 -17.91 -37.92 -10.39
CA LYS B 59 -17.13 -38.61 -9.36
C LYS B 59 -15.65 -38.32 -9.48
N ASN B 60 -15.12 -38.38 -10.70
CA ASN B 60 -13.68 -38.20 -10.88
C ASN B 60 -13.26 -36.75 -10.65
N GLN B 61 -14.11 -35.80 -11.01
CA GLN B 61 -13.82 -34.40 -10.72
C GLN B 61 -13.84 -34.14 -9.22
N PHE B 62 -14.76 -34.80 -8.50
CA PHE B 62 -14.74 -34.71 -7.04
C PHE B 62 -13.43 -35.25 -6.49
N LEU B 63 -12.98 -36.40 -6.99
CA LEU B 63 -11.74 -36.98 -6.48
C LEU B 63 -10.56 -36.06 -6.74
N GLU B 64 -10.51 -35.46 -7.94
CA GLU B 64 -9.43 -34.52 -8.25
C GLU B 64 -9.46 -33.30 -7.34
N ASN B 65 -10.65 -32.74 -7.10
CA ASN B 65 -10.76 -31.58 -6.22
C ASN B 65 -10.37 -31.93 -4.79
N ALA B 66 -10.74 -33.12 -4.32
CA ALA B 66 -10.36 -33.54 -2.98
C ALA B 66 -8.84 -33.68 -2.87
N GLN B 67 -8.20 -34.23 -3.90
CA GLN B 67 -6.75 -34.31 -3.90
C GLN B 67 -6.12 -32.92 -3.86
N LYS B 68 -6.67 -31.97 -4.63
CA LYS B 68 -6.11 -30.63 -4.64
C LYS B 68 -6.25 -29.95 -3.28
N LEU B 69 -7.38 -30.16 -2.61
CA LEU B 69 -7.60 -29.60 -1.28
C LEU B 69 -6.60 -30.17 -0.28
N LYS B 70 -6.45 -31.50 -0.29
CA LYS B 70 -5.49 -32.16 0.59
C LYS B 70 -4.07 -31.65 0.32
N GLU B 71 -3.76 -31.36 -0.94
CA GLU B 71 -2.42 -30.89 -1.28
C GLU B 71 -2.20 -29.43 -0.89
N ILE B 72 -3.25 -28.62 -0.87
CA ILE B 72 -3.05 -27.20 -0.57
C ILE B 72 -3.06 -26.89 0.92
N GLN B 73 -3.60 -27.78 1.77
CA GLN B 73 -3.59 -27.54 3.23
C GLN B 73 -2.27 -26.99 3.79
N PRO B 74 -1.09 -27.59 3.56
CA PRO B 74 0.14 -27.00 4.12
C PRO B 74 0.43 -25.62 3.56
N LEU B 75 0.08 -25.38 2.30
CA LEU B 75 0.22 -24.05 1.71
C LEU B 75 -0.69 -23.06 2.41
N ILE B 76 -1.88 -23.49 2.83
CA ILE B 76 -2.77 -22.63 3.62
C ILE B 76 -2.09 -22.24 4.93
N LYS B 77 -1.51 -23.21 5.62
CA LYS B 77 -0.83 -22.89 6.88
C LYS B 77 0.32 -21.91 6.67
N GLU B 78 1.14 -22.16 5.66
CA GLU B 78 2.28 -21.27 5.40
C GLU B 78 1.82 -19.87 5.01
N THR B 79 0.74 -19.78 4.24
CA THR B 79 0.22 -18.47 3.84
C THR B 79 -0.29 -17.69 5.04
N ASN B 80 -1.02 -18.35 5.94
CA ASN B 80 -1.48 -17.68 7.15
C ASN B 80 -0.31 -17.20 7.99
N VAL B 81 0.76 -18.01 8.08
CA VAL B 81 1.93 -17.60 8.86
C VAL B 81 2.59 -16.38 8.25
N LYS B 82 2.78 -16.39 6.92
CA LYS B 82 3.38 -15.25 6.25
C LYS B 82 2.52 -13.99 6.44
N LEU B 83 1.20 -14.14 6.40
CA LEU B 83 0.32 -13.00 6.59
C LEU B 83 0.46 -12.41 7.99
N TYR B 84 0.49 -13.29 9.00
CA TYR B 84 0.64 -12.80 10.37
C TYR B 84 1.98 -12.08 10.56
N LYS B 85 3.04 -12.63 9.96
CA LYS B 85 4.35 -11.99 10.07
C LYS B 85 4.35 -10.62 9.39
N ALA B 86 3.78 -10.55 8.19
CA ALA B 86 3.73 -9.28 7.46
C ALA B 86 2.90 -8.24 8.20
N SER B 88 2.54 -8.17 11.68
CA SER B 88 3.24 -7.81 12.91
C SER B 88 4.43 -6.91 12.64
N GLU B 89 5.15 -7.14 11.54
CA GLU B 89 6.29 -6.28 11.24
C GLU B 89 5.86 -4.85 10.95
N SER B 90 4.77 -4.68 10.19
CA SER B 90 4.28 -3.34 9.89
C SER B 90 3.76 -2.67 11.15
N LEU B 91 3.09 -3.43 12.02
CA LEU B 91 2.64 -2.87 13.28
C LEU B 91 3.81 -2.36 14.12
N GLU B 92 4.89 -3.15 14.20
CA GLU B 92 6.05 -2.72 14.98
C GLU B 92 6.72 -1.50 14.37
N GLN B 93 6.80 -1.44 13.04
CA GLN B 93 7.40 -0.29 12.36
C GLN B 93 6.60 0.98 12.66
N VAL B 94 5.28 0.91 12.49
CA VAL B 94 4.43 2.08 12.76
C VAL B 94 4.51 2.47 14.22
N GLU B 95 4.59 1.47 15.12
CA GLU B 95 4.72 1.75 16.54
C GLU B 95 5.99 2.55 16.82
N LYS B 96 7.12 2.13 16.24
CA LYS B 96 8.38 2.83 16.48
C LYS B 96 8.34 4.23 15.90
N GLU B 97 7.76 4.40 14.71
CA GLU B 97 7.68 5.73 14.11
C GLU B 97 6.84 6.67 14.96
N LEU B 98 5.67 6.19 15.42
CA LEU B 98 4.81 7.03 16.25
C LEU B 98 5.48 7.37 17.58
N LYS B 99 6.19 6.39 18.17
CA LYS B 99 6.89 6.67 19.41
C LYS B 99 7.97 7.73 19.21
N HIS B 100 8.69 7.66 18.10
CA HIS B 100 9.72 8.67 17.82
C HIS B 100 9.09 10.05 17.69
N ASN B 101 8.01 10.16 16.92
CA ASN B 101 7.38 11.47 16.72
C ASN B 101 6.84 12.03 18.03
N SER B 102 6.16 11.20 18.81
CA SER B 102 5.62 11.65 20.09
C SER B 102 6.71 12.08 21.03
N GLU B 103 7.82 11.32 21.10
CA GLU B 103 8.91 11.70 21.98
C GLU B 103 9.56 13.00 21.53
N ALA B 104 9.67 13.21 20.21
CA ALA B 104 10.24 14.46 19.72
C ALA B 104 9.38 15.66 20.11
N ASN B 105 8.06 15.54 19.91
CA ASN B 105 7.17 16.64 20.28
C ASN B 105 7.20 16.90 21.79
N LEU B 106 7.21 15.82 22.58
CA LEU B 106 7.28 15.96 24.03
C LEU B 106 8.57 16.64 24.46
N GLU B 107 9.70 16.27 23.85
CA GLU B 107 10.97 16.89 24.21
C GLU B 107 11.00 18.36 23.81
N ASP B 108 10.39 18.69 22.67
CA ASP B 108 10.29 20.10 22.28
C ASP B 108 9.50 20.89 23.32
N LEU B 109 8.37 20.36 23.77
CA LEU B 109 7.58 21.05 24.79
C LEU B 109 8.36 21.19 26.08
N VAL B 110 9.07 20.13 26.50
CA VAL B 110 9.83 20.16 27.74
C VAL B 110 10.93 21.21 27.66
N ALA B 111 11.64 21.27 26.53
CA ALA B 111 12.71 22.26 26.39
C ALA B 111 12.16 23.69 26.39
N LYS B 112 11.05 23.91 25.69
CA LYS B 112 10.47 25.25 25.69
C LYS B 112 10.02 25.67 27.08
N SER B 113 9.38 24.76 27.82
CA SER B 113 8.91 25.10 29.17
C SER B 113 10.09 25.34 30.11
N LYS B 114 11.14 24.52 29.99
CA LYS B 114 12.33 24.73 30.81
C LYS B 114 12.96 26.08 30.52
N GLU B 115 13.02 26.48 29.26
CA GLU B 115 13.62 27.76 28.91
C GLU B 115 12.77 28.92 29.42
N ILE B 116 11.44 28.79 29.33
CA ILE B 116 10.56 29.83 29.85
C ILE B 116 10.78 30.00 31.35
N VAL B 117 10.81 28.88 32.08
CA VAL B 117 11.01 28.94 33.53
C VAL B 117 12.36 29.55 33.85
N ARG B 118 13.39 29.19 33.08
CA ARG B 118 14.73 29.73 33.33
C ARG B 118 14.76 31.25 33.12
N GLU B 119 14.25 31.71 31.98
CA GLU B 119 14.23 33.14 31.69
C GLU B 119 13.45 33.91 32.75
N TYR B 120 12.28 33.40 33.12
CA TYR B 120 11.44 34.18 34.03
C TYR B 120 11.93 34.09 35.47
N GLU B 121 12.58 32.99 35.86
CA GLU B 121 13.23 32.98 37.17
C GLU B 121 14.39 33.97 37.21
N GLY B 122 15.13 34.08 36.10
CA GLY B 122 16.16 35.10 36.03
C GLY B 122 15.60 36.50 36.15
N LYS B 123 14.49 36.77 35.48
CA LYS B 123 13.87 38.09 35.58
C LYS B 123 13.32 38.35 36.98
N LEU B 124 12.72 37.32 37.60
CA LEU B 124 12.13 37.48 38.93
C LEU B 124 13.21 37.73 39.98
N ASN B 125 14.34 37.02 39.88
CA ASN B 125 15.44 37.25 40.82
C ASN B 125 15.93 38.69 40.77
N GLN B 126 15.76 39.37 39.64
CA GLN B 126 16.18 40.75 39.50
C GLN B 126 15.05 41.74 39.76
N SER B 127 13.85 41.27 40.08
CA SER B 127 12.73 42.19 40.30
C SER B 127 13.02 43.09 41.49
N LYS B 128 12.55 44.34 41.40
CA LYS B 128 12.88 45.37 42.37
C LYS B 128 11.71 45.77 43.26
N ASN B 129 10.48 45.47 42.87
CA ASN B 129 9.30 45.81 43.66
C ASN B 129 8.21 44.79 43.39
N LEU B 130 7.15 44.88 44.19
CA LEU B 130 6.02 43.96 44.13
C LEU B 130 5.27 44.03 42.80
N PRO B 131 4.98 45.22 42.25
CA PRO B 131 4.32 45.25 40.93
C PRO B 131 5.11 44.54 39.84
N GLU B 132 6.43 44.75 39.79
CA GLU B 132 7.24 44.08 38.78
C GLU B 132 7.23 42.57 38.98
N LEU B 133 7.32 42.11 40.24
CA LEU B 133 7.25 40.69 40.53
C LEU B 133 5.93 40.09 40.05
N LYS B 134 4.81 40.73 40.39
CA LYS B 134 3.51 40.20 40.01
C LYS B 134 3.34 40.17 38.49
N GLN B 135 3.81 41.21 37.81
CA GLN B 135 3.73 41.24 36.35
C GLN B 135 4.55 40.10 35.74
N LEU B 136 5.77 39.89 36.24
CA LEU B 136 6.62 38.82 35.72
C LEU B 136 6.00 37.45 35.99
N GLU B 137 5.39 37.27 37.16
CA GLU B 137 4.77 36.00 37.49
C GLU B 137 3.58 35.72 36.57
N GLU B 138 2.74 36.73 36.35
CA GLU B 138 1.62 36.59 35.42
C GLU B 138 2.12 36.22 34.03
N GLU B 139 3.15 36.91 33.55
CA GLU B 139 3.66 36.65 32.20
C GLU B 139 4.25 35.25 32.10
N ALA B 140 4.96 34.80 33.13
CA ALA B 140 5.55 33.46 33.11
C ALA B 140 4.48 32.39 33.06
N HIS B 141 3.48 32.50 33.93
CA HIS B 141 2.40 31.52 33.94
C HIS B 141 1.64 31.54 32.63
N SER B 142 1.42 32.72 32.05
CA SER B 142 0.70 32.81 30.78
C SER B 142 1.50 32.18 29.65
N LYS B 143 2.82 32.35 29.65
CA LYS B 143 3.63 31.78 28.58
C LYS B 143 3.71 30.25 28.70
N LEU B 144 3.78 29.74 29.93
CA LEU B 144 3.72 28.29 30.12
C LEU B 144 2.37 27.73 29.67
N LYS B 145 1.29 28.43 30.02
CA LYS B 145 -0.03 28.03 29.54
C LYS B 145 -0.09 28.07 28.02
N GLN B 146 0.58 29.06 27.42
CA GLN B 146 0.59 29.19 25.97
C GLN B 146 1.27 27.99 25.31
N VAL B 147 2.44 27.61 25.80
CA VAL B 147 3.14 26.50 25.16
C VAL B 147 2.40 25.18 25.40
N VAL B 148 1.81 25.02 26.59
CA VAL B 148 1.05 23.80 26.85
C VAL B 148 -0.19 23.73 25.95
N GLU B 149 -0.88 24.85 25.75
CA GLU B 149 -2.04 24.87 24.86
C GLU B 149 -1.62 24.54 23.43
N ASP B 150 -0.58 25.21 22.93
CA ASP B 150 -0.14 24.98 21.56
C ASP B 150 0.27 23.53 21.36
N PHE B 151 0.88 22.91 22.38
CA PHE B 151 1.21 21.49 22.26
C PHE B 151 -0.05 20.63 22.24
N ARG B 152 -1.00 20.92 23.13
CA ARG B 152 -2.23 20.13 23.18
C ARG B 152 -3.07 20.28 21.91
N LYS B 153 -2.87 21.35 21.14
CA LYS B 153 -3.65 21.55 19.93
C LYS B 153 -3.14 20.72 18.76
N LYS B 154 -1.85 20.38 18.75
CA LYS B 154 -1.28 19.58 17.68
C LYS B 154 -1.93 18.21 17.59
#